data_4LMA
#
_entry.id   4LMA
#
_cell.length_a   56.564
_cell.length_b   93.830
_cell.length_c   125.307
_cell.angle_alpha   90.00
_cell.angle_beta   90.00
_cell.angle_gamma   90.00
#
_symmetry.space_group_name_H-M   'P 21 21 21'
#
loop_
_entity.id
_entity.type
_entity.pdbx_description
1 polymer 'Cysteine synthase'
2 non-polymer (4S)-2-METHYL-2,4-PENTANEDIOL
3 non-polymer "PYRIDOXAL-5'-PHOSPHATE"
4 water water
#
_entity_poly.entity_id   1
_entity_poly.type   'polypeptide(L)'
_entity_poly.pdbx_seq_one_letter_code
;MHHHHHHMRIAHDVTELVGRTPLVQLNRIPQAEGCLGRIVMKLEGMNPAASVKDRIGTHMINSAEKAGLINPETTVLVEP
TSGNTGIALAMTAAAKGYRLILTMPETMSLERRAMLKAYGATLELTPGSQGMKGAILRAQQIVDSIPGAYMLQQFRNPSN
PEIHRLTTAEEIWQDTEGQVDFIVAGVGTGGTITGVAEVIKSRKPSFQVVAVEPFNSPVISGGNPGPHKIQGIGAGFIPE
VLRTDLIDEVITVSDEEAFQFGRRLAKEEGLLSGISSGANLCAAIQLAQRPENEGKLIVVIQPSFGERYLSTLMFQNIEE
RELTLV
;
_entity_poly.pdbx_strand_id   A,B
#
# COMPACT_ATOMS: atom_id res chain seq x y z
N MET A 8 -4.21 25.22 4.21
CA MET A 8 -3.20 24.25 3.71
C MET A 8 -3.56 22.80 4.06
N ARG A 9 -3.51 21.94 3.05
CA ARG A 9 -3.81 20.51 3.22
C ARG A 9 -2.55 19.72 3.58
N ILE A 10 -2.14 19.84 4.83
CA ILE A 10 -1.00 19.11 5.36
C ILE A 10 -1.44 18.40 6.63
N ALA A 11 -1.36 17.08 6.63
CA ALA A 11 -1.74 16.27 7.80
C ALA A 11 -0.71 16.41 8.91
N HIS A 12 -1.16 16.34 10.16
CA HIS A 12 -0.27 16.44 11.31
C HIS A 12 0.63 15.24 11.42
N ASP A 13 0.09 14.06 11.10
CA ASP A 13 0.82 12.81 11.14
C ASP A 13 0.05 11.76 10.35
N VAL A 14 0.64 10.58 10.15
CA VAL A 14 0.06 9.54 9.30
C VAL A 14 -1.34 9.05 9.75
N THR A 15 -1.64 9.15 11.04
CA THR A 15 -2.92 8.67 11.59
C THR A 15 -4.13 9.45 11.09
N GLU A 16 -3.88 10.65 10.56
CA GLU A 16 -4.95 11.47 9.98
C GLU A 16 -5.21 11.11 8.52
N LEU A 17 -4.51 10.11 8.01
CA LEU A 17 -4.59 9.75 6.60
C LEU A 17 -5.29 8.41 6.37
N VAL A 18 -5.80 7.81 7.45
CA VAL A 18 -6.46 6.51 7.38
C VAL A 18 -7.90 6.69 6.88
N GLY A 19 -8.46 5.61 6.30
CA GLY A 19 -9.84 5.64 5.81
C GLY A 19 -10.05 6.49 4.58
N ARG A 20 -11.29 6.90 4.35
CA ARG A 20 -11.68 7.64 3.13
C ARG A 20 -11.17 6.89 1.90
N THR A 21 -11.47 5.58 1.89
CA THR A 21 -11.02 4.68 0.85
C THR A 21 -12.03 4.65 -0.29
N PRO A 22 -11.54 4.43 -1.53
CA PRO A 22 -12.45 4.54 -2.66
C PRO A 22 -13.18 3.25 -3.00
N LEU A 23 -14.30 3.42 -3.71
CA LEU A 23 -15.02 2.33 -4.34
C LEU A 23 -14.61 2.21 -5.81
N VAL A 24 -14.54 0.97 -6.30
CA VAL A 24 -14.16 0.71 -7.68
C VAL A 24 -15.07 -0.39 -8.23
N GLN A 25 -15.54 -0.21 -9.47
CA GLN A 25 -16.36 -1.26 -10.10
C GLN A 25 -15.49 -2.40 -10.62
N LEU A 26 -16.08 -3.59 -10.71
CA LEU A 26 -15.42 -4.74 -11.31
C LEU A 26 -15.93 -4.92 -12.73
N ASN A 27 -14.99 -5.07 -13.66
CA ASN A 27 -15.30 -5.02 -15.09
C ASN A 27 -15.27 -6.36 -15.81
N ARG A 28 -14.66 -7.36 -15.19
CA ARG A 28 -14.48 -8.66 -15.85
C ARG A 28 -15.04 -9.86 -15.09
N ILE A 29 -14.71 -9.98 -13.79
CA ILE A 29 -15.05 -11.17 -13.02
C ILE A 29 -16.57 -11.43 -12.88
N PRO A 30 -17.36 -10.42 -12.42
CA PRO A 30 -18.81 -10.65 -12.28
C PRO A 30 -19.49 -10.97 -13.61
N GLN A 31 -19.04 -10.33 -14.68
CA GLN A 31 -19.57 -10.54 -16.02
C GLN A 31 -19.26 -11.97 -16.50
N ALA A 32 -18.02 -12.41 -16.28
CA ALA A 32 -17.61 -13.77 -16.66
C ALA A 32 -18.43 -14.81 -15.88
N GLU A 33 -18.88 -14.43 -14.70
CA GLU A 33 -19.60 -15.34 -13.82
C GLU A 33 -21.13 -15.23 -13.97
N GLY A 34 -21.56 -14.41 -14.93
CA GLY A 34 -22.99 -14.21 -15.20
C GLY A 34 -23.75 -13.61 -14.03
N CYS A 35 -23.13 -12.66 -13.34
CA CYS A 35 -23.77 -11.96 -12.22
C CYS A 35 -24.90 -11.05 -12.72
N LEU A 36 -25.96 -10.97 -11.92
CA LEU A 36 -27.09 -10.11 -12.23
C LEU A 36 -27.05 -8.87 -11.34
N GLY A 37 -26.63 -9.05 -10.09
CA GLY A 37 -26.35 -7.92 -9.20
C GLY A 37 -25.09 -7.19 -9.62
N ARG A 38 -24.91 -5.98 -9.09
CA ARG A 38 -23.78 -5.14 -9.42
C ARG A 38 -22.78 -5.15 -8.26
N ILE A 39 -21.55 -5.57 -8.54
CA ILE A 39 -20.51 -5.64 -7.50
C ILE A 39 -19.47 -4.53 -7.62
N VAL A 40 -19.31 -3.76 -6.55
CA VAL A 40 -18.19 -2.81 -6.43
C VAL A 40 -17.34 -3.13 -5.19
N MET A 41 -16.06 -2.78 -5.24
CA MET A 41 -15.13 -3.07 -4.14
C MET A 41 -14.68 -1.80 -3.43
N LYS A 42 -14.69 -1.85 -2.10
CA LYS A 42 -14.12 -0.81 -1.26
C LYS A 42 -12.69 -1.21 -0.93
N LEU A 43 -11.73 -0.35 -1.32
CA LEU A 43 -10.30 -0.67 -1.27
C LEU A 43 -9.61 -0.26 0.03
N GLU A 44 -9.78 -1.07 1.06
CA GLU A 44 -9.10 -0.85 2.35
C GLU A 44 -7.59 -1.11 2.24
N GLY A 45 -7.18 -1.73 1.13
CA GLY A 45 -5.75 -1.88 0.82
C GLY A 45 -5.03 -0.55 0.61
N MET A 46 -5.80 0.51 0.39
CA MET A 46 -5.26 1.84 0.17
C MET A 46 -5.10 2.72 1.40
N ASN A 47 -5.41 2.16 2.59
CA ASN A 47 -4.98 2.76 3.86
C ASN A 47 -3.46 2.87 3.94
N PRO A 48 -2.93 3.80 4.75
CA PRO A 48 -1.48 4.03 4.83
C PRO A 48 -0.63 2.75 5.00
N ALA A 49 -1.05 1.83 5.86
CA ALA A 49 -0.33 0.56 6.03
C ALA A 49 -1.10 -0.62 5.43
N ALA A 50 -1.89 -0.32 4.40
CA ALA A 50 -2.41 -1.32 3.45
C ALA A 50 -3.44 -2.34 3.98
N SER A 51 -4.12 -2.00 5.07
CA SER A 51 -5.25 -2.81 5.52
C SER A 51 -6.31 -1.98 6.23
N VAL A 52 -7.52 -2.54 6.28
CA VAL A 52 -8.63 -2.01 7.08
C VAL A 52 -8.28 -1.72 8.55
N LYS A 53 -7.33 -2.48 9.09
CA LYS A 53 -6.95 -2.35 10.49
C LYS A 53 -6.59 -0.91 10.85
N ASP A 54 -5.87 -0.25 9.97
CA ASP A 54 -5.43 1.13 10.19
C ASP A 54 -6.52 2.00 10.86
N ARG A 55 -7.78 1.72 10.53
CA ARG A 55 -8.91 2.42 11.14
C ARG A 55 -9.03 2.15 12.65
N ILE A 56 -8.85 0.89 13.06
CA ILE A 56 -8.93 0.57 14.50
C ILE A 56 -7.62 0.81 15.25
N GLY A 57 -6.49 0.63 14.57
CA GLY A 57 -5.18 0.92 15.17
C GLY A 57 -5.13 2.36 15.66
N THR A 58 -5.64 3.28 14.84
CA THR A 58 -5.66 4.69 15.15
C THR A 58 -6.77 5.07 16.13
N HIS A 59 -7.99 4.57 15.88
CA HIS A 59 -9.15 4.99 16.67
C HIS A 59 -9.19 4.43 18.07
N MET A 60 -8.79 3.17 18.25
CA MET A 60 -8.76 2.58 19.59
C MET A 60 -7.84 3.39 20.50
N ILE A 61 -6.72 3.87 19.95
CA ILE A 61 -5.81 4.73 20.69
C ILE A 61 -6.37 6.15 20.87
N ASN A 62 -6.92 6.73 19.81
CA ASN A 62 -7.54 8.05 19.91
C ASN A 62 -8.63 8.07 20.97
N SER A 63 -9.52 7.07 20.90
CA SER A 63 -10.63 6.92 21.82
C SER A 63 -10.15 6.84 23.27
N ALA A 64 -9.14 6.01 23.51
CA ALA A 64 -8.59 5.82 24.85
C ALA A 64 -7.90 7.07 25.37
N GLU A 65 -7.28 7.83 24.47
CA GLU A 65 -6.68 9.13 24.81
C GLU A 65 -7.75 10.15 25.18
N LYS A 66 -8.78 10.25 24.33
CA LYS A 66 -9.88 11.20 24.49
C LYS A 66 -10.67 10.96 25.79
N ALA A 67 -10.69 9.70 26.22
CA ALA A 67 -11.34 9.33 27.48
C ALA A 67 -10.41 9.52 28.69
N GLY A 68 -9.15 9.86 28.43
CA GLY A 68 -8.16 10.10 29.49
C GLY A 68 -7.55 8.86 30.11
N LEU A 69 -7.70 7.71 29.45
CA LEU A 69 -7.18 6.45 29.97
C LEU A 69 -5.70 6.25 29.68
N ILE A 70 -5.22 6.85 28.58
CA ILE A 70 -3.84 6.61 28.13
C ILE A 70 -3.10 7.90 27.73
N ASN A 71 -1.77 7.84 27.81
CA ASN A 71 -0.91 8.98 27.49
C ASN A 71 0.45 8.49 26.98
N PRO A 72 0.96 9.09 25.88
CA PRO A 72 2.22 8.68 25.25
C PRO A 72 3.44 8.65 26.18
N GLU A 73 3.51 9.60 27.12
CA GLU A 73 4.65 9.68 28.04
C GLU A 73 4.65 8.60 29.12
N THR A 74 3.49 7.96 29.32
CA THR A 74 3.31 7.04 30.44
C THR A 74 2.79 5.64 30.10
N THR A 75 1.89 5.55 29.12
CA THR A 75 1.22 4.28 28.80
C THR A 75 2.04 3.37 27.89
N VAL A 76 2.22 2.13 28.33
CA VAL A 76 2.78 1.07 27.50
C VAL A 76 1.60 0.31 26.90
N LEU A 77 1.55 0.25 25.57
CA LEU A 77 0.46 -0.45 24.90
C LEU A 77 0.77 -1.92 24.69
N VAL A 78 -0.22 -2.76 24.95
CA VAL A 78 -0.06 -4.21 24.78
C VAL A 78 -1.23 -4.78 23.99
N GLU A 79 -0.92 -5.75 23.14
CA GLU A 79 -1.93 -6.46 22.37
C GLU A 79 -1.37 -7.77 21.85
N PRO A 80 -2.13 -8.87 22.04
CA PRO A 80 -1.82 -10.11 21.30
C PRO A 80 -2.35 -10.00 19.88
N THR A 81 -1.51 -10.26 18.88
CA THR A 81 -1.94 -10.16 17.49
C THR A 81 -1.02 -10.83 16.49
N SER A 82 -1.58 -11.76 15.71
CA SER A 82 -0.86 -12.42 14.63
C SER A 82 -1.23 -11.90 13.23
N GLY A 83 -1.99 -10.80 13.18
CA GLY A 83 -2.46 -10.26 11.91
C GLY A 83 -2.14 -8.80 11.68
N ASN A 84 -3.02 -8.12 10.94
CA ASN A 84 -2.80 -6.74 10.55
C ASN A 84 -2.96 -5.70 11.66
N THR A 85 -3.68 -6.03 12.73
CA THR A 85 -3.88 -5.08 13.82
C THR A 85 -2.54 -4.66 14.44
N GLY A 86 -1.62 -5.62 14.55
CA GLY A 86 -0.28 -5.36 15.07
C GLY A 86 0.46 -4.30 14.28
N ILE A 87 0.41 -4.42 12.96
CA ILE A 87 1.01 -3.46 12.04
C ILE A 87 0.37 -2.09 12.20
N ALA A 88 -0.97 -2.06 12.25
CA ALA A 88 -1.71 -0.81 12.43
C ALA A 88 -1.36 -0.10 13.74
N LEU A 89 -1.28 -0.87 14.82
CA LEU A 89 -0.88 -0.36 16.13
C LEU A 89 0.58 0.08 16.14
N ALA A 90 1.46 -0.69 15.51
CA ALA A 90 2.87 -0.32 15.43
C ALA A 90 3.07 1.02 14.72
N MET A 91 2.39 1.21 13.58
CA MET A 91 2.42 2.47 12.85
C MET A 91 1.93 3.63 13.72
N THR A 92 0.75 3.41 14.33
CA THR A 92 0.08 4.42 15.15
C THR A 92 0.92 4.83 16.35
N ALA A 93 1.50 3.83 17.02
CA ALA A 93 2.36 4.04 18.19
C ALA A 93 3.62 4.82 17.84
N ALA A 94 4.22 4.50 16.69
CA ALA A 94 5.40 5.21 16.21
C ALA A 94 5.07 6.66 15.85
N ALA A 95 3.91 6.85 15.24
CA ALA A 95 3.45 8.19 14.84
C ALA A 95 3.09 9.07 16.05
N LYS A 96 2.55 8.46 17.10
CA LYS A 96 2.06 9.22 18.25
C LYS A 96 3.00 9.16 19.47
N GLY A 97 4.05 8.36 19.38
CA GLY A 97 5.10 8.31 20.41
C GLY A 97 4.87 7.35 21.56
N TYR A 98 4.08 6.29 21.32
CA TYR A 98 3.80 5.27 22.32
C TYR A 98 4.79 4.12 22.29
N ARG A 99 5.13 3.61 23.46
CA ARG A 99 5.79 2.31 23.59
C ARG A 99 4.72 1.24 23.41
N LEU A 100 5.05 0.21 22.62
CA LEU A 100 4.11 -0.86 22.30
C LEU A 100 4.74 -2.23 22.39
N ILE A 101 4.04 -3.15 23.06
CA ILE A 101 4.44 -4.56 23.13
C ILE A 101 3.39 -5.40 22.43
N LEU A 102 3.82 -6.24 21.50
CA LEU A 102 2.92 -7.17 20.83
C LEU A 102 3.37 -8.59 21.13
N THR A 103 2.41 -9.46 21.45
CA THR A 103 2.70 -10.88 21.67
C THR A 103 2.12 -11.71 20.54
N MET A 104 2.78 -12.83 20.22
CA MET A 104 2.40 -13.65 19.08
C MET A 104 2.99 -15.06 19.15
N PRO A 105 2.36 -16.03 18.43
CA PRO A 105 2.99 -17.34 18.27
C PRO A 105 4.17 -17.28 17.31
N GLU A 106 5.16 -18.15 17.54
CA GLU A 106 6.37 -18.22 16.71
C GLU A 106 6.07 -18.57 15.25
N THR A 107 4.89 -19.15 15.03
CA THR A 107 4.43 -19.56 13.70
C THR A 107 4.17 -18.39 12.73
N MET A 108 4.05 -17.18 13.26
CA MET A 108 3.75 -16.01 12.44
C MET A 108 4.91 -15.70 11.48
N SER A 109 4.55 -15.39 10.24
CA SER A 109 5.48 -15.06 9.16
C SER A 109 6.60 -14.10 9.60
N LEU A 110 7.82 -14.40 9.12
CA LEU A 110 8.99 -13.57 9.40
C LEU A 110 8.84 -12.16 8.82
N GLU A 111 8.14 -12.07 7.69
CA GLU A 111 7.85 -10.79 7.04
C GLU A 111 7.06 -9.86 7.95
N ARG A 112 6.05 -10.42 8.62
CA ARG A 112 5.21 -9.67 9.54
C ARG A 112 5.98 -9.27 10.79
N ARG A 113 6.92 -10.11 11.24
CA ARG A 113 7.77 -9.78 12.37
C ARG A 113 8.69 -8.59 12.07
N ALA A 114 9.26 -8.61 10.87
CA ALA A 114 10.11 -7.53 10.40
C ALA A 114 9.35 -6.22 10.26
N MET A 115 8.09 -6.32 9.80
CA MET A 115 7.21 -5.17 9.69
C MET A 115 6.98 -4.49 11.04
N LEU A 116 6.69 -5.28 12.06
CA LEU A 116 6.42 -4.78 13.41
C LEU A 116 7.67 -4.15 14.01
N LYS A 117 8.81 -4.82 13.82
CA LYS A 117 10.11 -4.37 14.31
C LYS A 117 10.55 -3.09 13.58
N ALA A 118 10.27 -3.02 12.29
CA ALA A 118 10.61 -1.85 11.47
C ALA A 118 9.94 -0.59 12.02
N TYR A 119 8.75 -0.74 12.59
CA TYR A 119 8.03 0.38 13.21
C TYR A 119 8.46 0.62 14.66
N GLY A 120 9.41 -0.16 15.15
CA GLY A 120 9.95 0.00 16.50
C GLY A 120 9.11 -0.62 17.60
N ALA A 121 8.23 -1.55 17.24
CA ALA A 121 7.44 -2.27 18.24
C ALA A 121 8.29 -3.33 18.94
N THR A 122 7.98 -3.57 20.21
CA THR A 122 8.63 -4.63 20.98
C THR A 122 7.86 -5.94 20.79
N LEU A 123 8.57 -6.99 20.40
CA LEU A 123 7.95 -8.28 20.13
C LEU A 123 8.30 -9.33 21.19
N GLU A 124 7.28 -10.07 21.66
CA GLU A 124 7.55 -11.24 22.48
C GLU A 124 6.86 -12.49 21.94
N LEU A 125 7.68 -13.47 21.57
CA LEU A 125 7.19 -14.70 20.96
C LEU A 125 6.69 -15.72 21.99
N THR A 126 5.70 -16.50 21.59
CA THR A 126 5.12 -17.54 22.43
C THR A 126 5.11 -18.87 21.65
N PRO A 127 5.16 -20.01 22.37
CA PRO A 127 5.15 -21.37 21.79
C PRO A 127 4.17 -21.54 20.63
N GLY A 128 4.66 -22.14 19.54
CA GLY A 128 3.87 -22.33 18.32
C GLY A 128 2.66 -23.23 18.46
N SER A 129 2.76 -24.21 19.36
CA SER A 129 1.68 -25.16 19.63
C SER A 129 0.54 -24.54 20.45
N GLN A 130 0.88 -23.53 21.27
CA GLN A 130 -0.12 -22.86 22.11
C GLN A 130 -0.97 -21.83 21.35
N GLY A 131 -0.66 -21.63 20.07
CA GLY A 131 -1.46 -20.77 19.18
C GLY A 131 -1.64 -19.34 19.68
N MET A 132 -2.78 -18.75 19.34
CA MET A 132 -3.12 -17.42 19.83
C MET A 132 -3.46 -17.42 21.31
N LYS A 133 -3.82 -18.60 21.83
CA LYS A 133 -4.19 -18.77 23.24
C LYS A 133 -3.03 -18.46 24.19
N GLY A 134 -1.83 -18.95 23.84
CA GLY A 134 -0.63 -18.66 24.62
C GLY A 134 -0.23 -17.19 24.53
N ALA A 135 -0.38 -16.62 23.35
CA ALA A 135 -0.11 -15.20 23.12
C ALA A 135 -1.00 -14.29 23.98
N ILE A 136 -2.28 -14.62 24.03
CA ILE A 136 -3.25 -13.87 24.86
C ILE A 136 -2.87 -13.95 26.34
N LEU A 137 -2.62 -15.16 26.85
CA LEU A 137 -2.24 -15.35 28.25
C LEU A 137 -0.97 -14.57 28.60
N ARG A 138 0.03 -14.62 27.71
CA ARG A 138 1.27 -13.87 27.90
C ARG A 138 1.02 -12.36 27.90
N ALA A 139 0.15 -11.90 27.01
CA ALA A 139 -0.24 -10.49 26.94
C ALA A 139 -0.87 -10.00 28.24
N GLN A 140 -1.69 -10.86 28.85
CA GLN A 140 -2.32 -10.56 30.15
C GLN A 140 -1.29 -10.36 31.27
N GLN A 141 -0.29 -11.24 31.30
CA GLN A 141 0.79 -11.13 32.30
C GLN A 141 1.50 -9.78 32.22
N ILE A 142 1.87 -9.41 31.00
CA ILE A 142 2.63 -8.18 30.73
C ILE A 142 1.89 -6.92 31.18
N VAL A 143 0.58 -6.90 31.02
CA VAL A 143 -0.24 -5.76 31.47
C VAL A 143 -0.26 -5.72 33.00
N ASP A 144 -0.41 -6.88 33.63
CA ASP A 144 -0.38 -7.00 35.10
C ASP A 144 0.98 -6.60 35.66
N SER A 145 2.04 -6.96 34.92
CA SER A 145 3.42 -6.63 35.29
C SER A 145 3.75 -5.13 35.22
N ILE A 146 3.10 -4.41 34.31
CA ILE A 146 3.41 -3.01 34.08
C ILE A 146 2.29 -2.10 34.57
N PRO A 147 2.61 -1.18 35.49
CA PRO A 147 1.62 -0.18 35.92
C PRO A 147 1.33 0.83 34.81
N GLY A 148 0.06 1.16 34.64
CA GLY A 148 -0.35 2.12 33.61
C GLY A 148 -0.57 1.52 32.24
N ALA A 149 -0.09 0.28 32.05
CA ALA A 149 -0.21 -0.45 30.78
C ALA A 149 -1.66 -0.65 30.34
N TYR A 150 -1.86 -0.81 29.03
CA TYR A 150 -3.20 -0.83 28.45
C TYR A 150 -3.32 -1.82 27.29
N MET A 151 -4.33 -2.68 27.39
CA MET A 151 -4.60 -3.69 26.39
C MET A 151 -5.70 -3.18 25.47
N LEU A 152 -5.46 -3.27 24.16
CA LEU A 152 -6.42 -2.77 23.18
C LEU A 152 -7.67 -3.65 23.09
N GLN A 153 -7.48 -4.96 23.20
CA GLN A 153 -8.58 -5.93 23.18
C GLN A 153 -9.48 -5.75 21.95
N GLN A 154 -8.90 -5.92 20.76
CA GLN A 154 -9.58 -5.65 19.50
C GLN A 154 -10.92 -6.38 19.31
N PHE A 155 -11.07 -7.55 19.92
CA PHE A 155 -12.31 -8.34 19.82
C PHE A 155 -13.42 -7.88 20.76
N ARG A 156 -13.08 -7.03 21.73
CA ARG A 156 -14.02 -6.59 22.78
C ARG A 156 -14.19 -5.07 22.85
N ASN A 157 -13.29 -4.35 22.20
CA ASN A 157 -13.24 -2.88 22.27
C ASN A 157 -14.35 -2.20 21.45
N PRO A 158 -15.25 -1.45 22.14
CA PRO A 158 -16.38 -0.76 21.50
C PRO A 158 -15.99 0.29 20.47
N SER A 159 -14.77 0.80 20.53
CA SER A 159 -14.32 1.80 19.58
C SER A 159 -13.93 1.19 18.22
N ASN A 160 -13.87 -0.13 18.16
CA ASN A 160 -13.62 -0.86 16.92
C ASN A 160 -14.84 -0.75 15.99
N PRO A 161 -16.03 -1.25 16.41
CA PRO A 161 -17.18 -0.97 15.56
C PRO A 161 -17.51 0.52 15.43
N GLU A 162 -17.18 1.32 16.46
CA GLU A 162 -17.46 2.75 16.42
C GLU A 162 -16.82 3.47 15.23
N ILE A 163 -15.53 3.22 14.99
CA ILE A 163 -14.83 3.90 13.89
C ILE A 163 -15.46 3.54 12.53
N HIS A 164 -15.91 2.29 12.40
CA HIS A 164 -16.60 1.84 11.21
C HIS A 164 -17.96 2.48 11.07
N ARG A 165 -18.60 2.81 12.20
CA ARG A 165 -19.84 3.57 12.17
C ARG A 165 -19.57 4.97 11.63
N LEU A 166 -18.56 5.62 12.20
CA LEU A 166 -18.27 7.02 11.93
C LEU A 166 -17.63 7.29 10.57
N THR A 167 -16.86 6.33 10.05
CA THR A 167 -16.13 6.56 8.80
C THR A 167 -16.53 5.59 7.69
N THR A 168 -16.16 4.32 7.82
CA THR A 168 -16.44 3.30 6.80
C THR A 168 -17.90 3.32 6.32
N ALA A 169 -18.83 3.30 7.26
CA ALA A 169 -20.26 3.33 6.95
C ALA A 169 -20.67 4.59 6.19
N GLU A 170 -20.19 5.75 6.65
CA GLU A 170 -20.54 7.03 6.00
C GLU A 170 -19.95 7.13 4.60
N GLU A 171 -18.73 6.62 4.43
CA GLU A 171 -18.09 6.61 3.11
C GLU A 171 -18.91 5.79 2.13
N ILE A 172 -19.36 4.60 2.55
CA ILE A 172 -20.19 3.75 1.71
C ILE A 172 -21.53 4.40 1.38
N TRP A 173 -22.13 5.05 2.38
CA TRP A 173 -23.40 5.73 2.21
C TRP A 173 -23.31 6.88 1.26
N GLN A 174 -22.31 7.74 1.45
CA GLN A 174 -22.10 8.92 0.60
C GLN A 174 -21.71 8.56 -0.83
N ASP A 175 -20.71 7.69 -0.98
CA ASP A 175 -20.16 7.32 -2.27
C ASP A 175 -21.18 6.60 -3.14
N THR A 176 -22.11 5.87 -2.52
CA THR A 176 -23.21 5.24 -3.27
C THR A 176 -24.47 6.10 -3.32
N GLU A 177 -24.44 7.27 -2.66
CA GLU A 177 -25.61 8.16 -2.55
C GLU A 177 -26.88 7.40 -2.14
N GLY A 178 -26.75 6.58 -1.10
CA GLY A 178 -27.88 5.84 -0.54
C GLY A 178 -28.31 4.59 -1.31
N GLN A 179 -27.63 4.30 -2.41
CA GLN A 179 -28.04 3.22 -3.31
C GLN A 179 -27.60 1.80 -2.90
N VAL A 180 -26.63 1.70 -1.99
CA VAL A 180 -26.13 0.39 -1.56
C VAL A 180 -27.25 -0.53 -1.03
N ASP A 181 -27.32 -1.75 -1.56
CA ASP A 181 -28.33 -2.72 -1.14
C ASP A 181 -27.74 -3.81 -0.25
N PHE A 182 -26.44 -4.08 -0.42
CA PHE A 182 -25.76 -5.12 0.33
C PHE A 182 -24.36 -4.70 0.74
N ILE A 183 -23.96 -5.06 1.95
CA ILE A 183 -22.55 -5.21 2.26
C ILE A 183 -22.19 -6.70 2.36
N VAL A 184 -21.09 -7.07 1.74
CA VAL A 184 -20.51 -8.40 1.87
C VAL A 184 -19.13 -8.25 2.51
N ALA A 185 -18.95 -8.87 3.67
CA ALA A 185 -17.73 -8.69 4.46
C ALA A 185 -17.41 -9.92 5.29
N GLY A 186 -16.20 -10.45 5.08
CA GLY A 186 -15.63 -11.44 5.99
C GLY A 186 -15.54 -10.88 7.40
N VAL A 187 -15.71 -11.77 8.38
CA VAL A 187 -15.70 -11.38 9.79
C VAL A 187 -14.38 -11.83 10.43
N GLY A 188 -13.61 -10.85 10.91
CA GLY A 188 -12.43 -11.11 11.71
C GLY A 188 -12.79 -10.83 13.16
N THR A 189 -12.69 -9.56 13.54
CA THR A 189 -13.24 -9.07 14.80
C THR A 189 -14.72 -8.79 14.61
N GLY A 190 -15.13 -8.57 13.36
CA GLY A 190 -16.52 -8.24 13.04
C GLY A 190 -16.81 -6.75 13.09
N GLY A 191 -15.78 -5.96 13.38
CA GLY A 191 -15.93 -4.51 13.47
C GLY A 191 -16.44 -3.83 12.21
N THR A 192 -15.89 -4.23 11.06
CA THR A 192 -16.22 -3.63 9.77
C THR A 192 -17.70 -3.82 9.43
N ILE A 193 -18.14 -5.06 9.34
CA ILE A 193 -19.51 -5.36 8.98
C ILE A 193 -20.51 -4.80 10.00
N THR A 194 -20.12 -4.76 11.26
CA THR A 194 -20.99 -4.27 12.34
C THR A 194 -21.27 -2.77 12.23
N GLY A 195 -20.20 -1.97 12.17
CA GLY A 195 -20.30 -0.53 12.00
C GLY A 195 -21.13 -0.11 10.80
N VAL A 196 -20.87 -0.76 9.66
CA VAL A 196 -21.63 -0.50 8.43
C VAL A 196 -23.11 -0.88 8.59
N ALA A 197 -23.36 -2.08 9.13
CA ALA A 197 -24.72 -2.56 9.40
C ALA A 197 -25.52 -1.63 10.33
N GLU A 198 -24.90 -1.23 11.44
CA GLU A 198 -25.55 -0.34 12.41
C GLU A 198 -26.06 0.96 11.79
N VAL A 199 -25.20 1.64 11.03
CA VAL A 199 -25.53 2.93 10.43
C VAL A 199 -26.50 2.79 9.25
N ILE A 200 -26.16 1.90 8.31
CA ILE A 200 -26.93 1.82 7.07
C ILE A 200 -28.30 1.16 7.24
N LYS A 201 -28.40 0.14 8.09
CA LYS A 201 -29.70 -0.47 8.39
C LYS A 201 -30.68 0.50 9.04
N SER A 202 -30.17 1.46 9.80
CA SER A 202 -31.01 2.45 10.47
C SER A 202 -31.55 3.50 9.50
N ARG A 203 -30.87 3.67 8.37
CA ARG A 203 -31.30 4.60 7.32
C ARG A 203 -32.05 3.90 6.19
N LYS A 204 -31.77 2.61 5.99
CA LYS A 204 -32.34 1.88 4.87
C LYS A 204 -32.67 0.45 5.28
N PRO A 205 -33.84 0.25 5.93
CA PRO A 205 -34.27 -1.06 6.42
C PRO A 205 -34.19 -2.20 5.38
N SER A 206 -34.37 -1.89 4.09
CA SER A 206 -34.21 -2.91 3.04
C SER A 206 -32.76 -3.38 2.85
N PHE A 207 -31.80 -2.61 3.34
CA PHE A 207 -30.37 -2.93 3.22
C PHE A 207 -30.01 -4.24 3.92
N GLN A 208 -29.30 -5.12 3.23
CA GLN A 208 -28.97 -6.44 3.74
C GLN A 208 -27.50 -6.61 4.08
N VAL A 209 -27.23 -7.46 5.06
CA VAL A 209 -25.90 -7.63 5.62
C VAL A 209 -25.48 -9.10 5.47
N VAL A 210 -24.39 -9.31 4.73
CA VAL A 210 -23.92 -10.65 4.41
C VAL A 210 -22.50 -10.89 4.95
N ALA A 211 -22.40 -11.73 5.98
CA ALA A 211 -21.12 -12.08 6.60
C ALA A 211 -20.46 -13.23 5.85
N VAL A 212 -19.12 -13.24 5.87
CA VAL A 212 -18.37 -14.30 5.20
C VAL A 212 -17.40 -14.97 6.18
N GLU A 213 -17.28 -16.29 6.06
CA GLU A 213 -16.39 -17.06 6.93
C GLU A 213 -15.86 -18.30 6.21
N PRO A 214 -14.74 -18.86 6.69
CA PRO A 214 -14.20 -20.07 6.05
C PRO A 214 -15.13 -21.29 6.18
N PHE A 215 -15.21 -22.07 5.10
CA PHE A 215 -15.92 -23.35 5.10
C PHE A 215 -15.40 -24.27 6.18
N ASN A 216 -14.08 -24.27 6.37
CA ASN A 216 -13.39 -25.10 7.37
C ASN A 216 -13.57 -24.63 8.81
N SER A 217 -14.11 -23.43 9.00
CA SER A 217 -14.32 -22.92 10.35
C SER A 217 -15.64 -22.16 10.46
N PRO A 218 -16.76 -22.86 10.18
CA PRO A 218 -18.05 -22.23 9.98
C PRO A 218 -18.83 -21.95 11.28
N VAL A 219 -18.21 -21.19 12.17
CA VAL A 219 -18.73 -20.93 13.51
C VAL A 219 -20.00 -20.05 13.53
N ILE A 220 -20.04 -19.00 12.71
CA ILE A 220 -21.22 -18.12 12.65
C ILE A 220 -22.43 -18.86 12.06
N SER A 221 -22.15 -19.87 11.23
CA SER A 221 -23.18 -20.72 10.64
C SER A 221 -23.68 -21.77 11.63
N GLY A 222 -22.96 -21.92 12.74
CA GLY A 222 -23.35 -22.88 13.78
C GLY A 222 -22.52 -24.16 13.83
N GLY A 223 -21.42 -24.19 13.07
CA GLY A 223 -20.54 -25.35 13.04
C GLY A 223 -19.33 -25.21 13.95
N ASN A 224 -18.44 -26.20 13.89
CA ASN A 224 -17.24 -26.25 14.73
C ASN A 224 -16.08 -25.43 14.20
N PRO A 225 -15.27 -24.85 15.12
CA PRO A 225 -14.04 -24.17 14.69
C PRO A 225 -13.02 -25.14 14.12
N GLY A 226 -12.16 -24.66 13.24
CA GLY A 226 -11.19 -25.51 12.56
C GLY A 226 -10.05 -24.76 11.90
N PRO A 227 -9.02 -25.50 11.47
CA PRO A 227 -7.90 -24.88 10.78
C PRO A 227 -8.28 -24.48 9.36
N HIS A 228 -7.92 -23.26 8.98
CA HIS A 228 -8.20 -22.73 7.65
C HIS A 228 -7.09 -21.79 7.25
N LYS A 229 -7.09 -21.39 5.98
CA LYS A 229 -6.01 -20.59 5.45
C LYS A 229 -6.41 -19.19 4.99
N ILE A 230 -7.66 -18.79 5.29
CA ILE A 230 -8.13 -17.44 4.93
C ILE A 230 -7.69 -16.43 5.99
N GLN A 231 -6.44 -15.98 5.88
CA GLN A 231 -5.83 -15.02 6.78
C GLN A 231 -6.70 -13.77 6.93
N GLY A 232 -7.00 -13.39 8.17
CA GLY A 232 -7.74 -12.17 8.45
C GLY A 232 -9.13 -12.41 8.99
N ILE A 233 -9.75 -13.52 8.57
CA ILE A 233 -11.11 -13.84 9.02
C ILE A 233 -11.17 -15.18 9.76
N GLY A 234 -12.27 -15.40 10.47
CA GLY A 234 -12.56 -16.70 11.06
C GLY A 234 -11.64 -17.06 12.21
N ALA A 235 -11.86 -16.43 13.35
CA ALA A 235 -11.04 -16.68 14.54
C ALA A 235 -11.50 -17.91 15.35
N GLY A 236 -12.58 -18.54 14.92
CA GLY A 236 -13.05 -19.78 15.53
C GLY A 236 -13.90 -19.59 16.78
N PHE A 237 -14.36 -18.36 16.98
CA PHE A 237 -15.34 -18.02 18.00
C PHE A 237 -16.14 -16.84 17.47
N ILE A 238 -17.21 -16.44 18.19
CA ILE A 238 -17.97 -15.26 17.82
C ILE A 238 -17.52 -14.07 18.67
N PRO A 239 -16.89 -13.06 18.04
CA PRO A 239 -16.37 -11.90 18.76
C PRO A 239 -17.46 -11.12 19.45
N GLU A 240 -17.12 -10.57 20.62
CA GLU A 240 -18.05 -9.75 21.41
C GLU A 240 -18.62 -8.56 20.65
N VAL A 241 -17.78 -7.90 19.84
CA VAL A 241 -18.18 -6.65 19.15
C VAL A 241 -19.08 -6.89 17.93
N LEU A 242 -19.20 -8.14 17.50
CA LEU A 242 -20.06 -8.47 16.38
C LEU A 242 -21.53 -8.34 16.76
N ARG A 243 -22.27 -7.52 16.01
CA ARG A 243 -23.72 -7.41 16.18
C ARG A 243 -24.40 -8.54 15.44
N THR A 244 -24.54 -9.68 16.12
CA THR A 244 -25.09 -10.90 15.52
C THR A 244 -26.54 -10.72 15.07
N ASP A 245 -27.26 -9.82 15.74
CA ASP A 245 -28.66 -9.53 15.42
C ASP A 245 -28.86 -8.83 14.08
N LEU A 246 -27.78 -8.27 13.52
CA LEU A 246 -27.88 -7.49 12.28
C LEU A 246 -27.47 -8.26 11.02
N ILE A 247 -26.99 -9.48 11.20
CA ILE A 247 -26.55 -10.31 10.08
C ILE A 247 -27.75 -11.01 9.43
N ASP A 248 -27.94 -10.77 8.14
CA ASP A 248 -29.02 -11.40 7.38
C ASP A 248 -28.62 -12.73 6.77
N GLU A 249 -27.32 -12.94 6.55
CA GLU A 249 -26.81 -14.19 5.96
C GLU A 249 -25.31 -14.40 6.20
N VAL A 250 -24.93 -15.66 6.41
CA VAL A 250 -23.53 -16.07 6.41
C VAL A 250 -23.26 -16.94 5.19
N ILE A 251 -22.22 -16.62 4.43
CA ILE A 251 -21.79 -17.47 3.34
C ILE A 251 -20.41 -18.04 3.66
N THR A 252 -20.24 -19.34 3.47
CA THR A 252 -18.96 -19.98 3.73
C THR A 252 -18.16 -20.15 2.43
N VAL A 253 -16.84 -20.03 2.55
CA VAL A 253 -15.96 -20.04 1.39
C VAL A 253 -14.78 -20.95 1.71
N SER A 254 -14.47 -21.85 0.78
CA SER A 254 -13.32 -22.72 0.95
C SER A 254 -12.02 -21.90 0.77
N ASP A 255 -10.93 -22.44 1.32
CA ASP A 255 -9.58 -21.87 1.13
C ASP A 255 -9.25 -21.67 -0.35
N GLU A 256 -9.52 -22.68 -1.16
CA GLU A 256 -9.19 -22.68 -2.59
C GLU A 256 -10.02 -21.68 -3.40
N GLU A 257 -11.33 -21.58 -3.09
CA GLU A 257 -12.19 -20.55 -3.66
C GLU A 257 -11.63 -19.15 -3.38
N ALA A 258 -11.32 -18.90 -2.10
CA ALA A 258 -10.81 -17.60 -1.67
C ALA A 258 -9.51 -17.25 -2.40
N PHE A 259 -8.61 -18.23 -2.52
CA PHE A 259 -7.33 -18.02 -3.20
C PHE A 259 -7.51 -17.75 -4.69
N GLN A 260 -8.36 -18.55 -5.34
CA GLN A 260 -8.57 -18.42 -6.78
C GLN A 260 -9.19 -17.09 -7.18
N PHE A 261 -10.15 -16.62 -6.38
CA PHE A 261 -10.75 -15.32 -6.62
C PHE A 261 -9.80 -14.17 -6.31
N GLY A 262 -8.84 -14.42 -5.42
CA GLY A 262 -7.75 -13.47 -5.20
C GLY A 262 -6.86 -13.37 -6.43
N ARG A 263 -6.49 -14.52 -6.99
CA ARG A 263 -5.72 -14.56 -8.23
C ARG A 263 -6.44 -13.79 -9.34
N ARG A 264 -7.75 -14.03 -9.47
CA ARG A 264 -8.56 -13.39 -10.49
C ARG A 264 -8.67 -11.87 -10.31
N LEU A 265 -8.81 -11.42 -9.06
CA LEU A 265 -8.80 -9.99 -8.77
C LEU A 265 -7.52 -9.30 -9.27
N ALA A 266 -6.38 -9.95 -9.04
CA ALA A 266 -5.09 -9.40 -9.46
C ALA A 266 -4.98 -9.35 -10.98
N LYS A 267 -5.30 -10.47 -11.62
CA LYS A 267 -5.02 -10.66 -13.05
C LYS A 267 -6.08 -10.12 -14.01
N GLU A 268 -7.35 -10.18 -13.59
CA GLU A 268 -8.46 -9.71 -14.41
C GLU A 268 -8.96 -8.32 -14.03
N GLU A 269 -8.57 -7.81 -12.86
CA GLU A 269 -9.04 -6.49 -12.42
C GLU A 269 -7.92 -5.51 -12.06
N GLY A 270 -6.69 -6.02 -11.91
CA GLY A 270 -5.56 -5.19 -11.50
C GLY A 270 -5.61 -4.82 -10.04
N LEU A 271 -6.27 -5.65 -9.24
CA LEU A 271 -6.43 -5.41 -7.80
C LEU A 271 -5.75 -6.49 -6.98
N LEU A 272 -4.48 -6.25 -6.65
CA LEU A 272 -3.72 -7.15 -5.79
C LEU A 272 -4.25 -7.12 -4.36
N SER A 273 -4.71 -8.26 -3.87
CA SER A 273 -5.50 -8.31 -2.64
C SER A 273 -5.13 -9.53 -1.80
N GLY A 274 -5.34 -9.44 -0.49
CA GLY A 274 -5.16 -10.60 0.39
C GLY A 274 -6.21 -11.66 0.10
N ILE A 275 -6.03 -12.84 0.70
CA ILE A 275 -6.93 -13.97 0.48
C ILE A 275 -8.37 -13.70 0.98
N SER A 276 -8.50 -12.89 2.04
CA SER A 276 -9.83 -12.52 2.56
C SER A 276 -10.63 -11.71 1.54
N SER A 277 -9.94 -10.91 0.71
CA SER A 277 -10.60 -10.20 -0.39
C SER A 277 -11.19 -11.20 -1.37
N GLY A 278 -10.44 -12.27 -1.64
CA GLY A 278 -10.88 -13.35 -2.50
C GLY A 278 -12.08 -14.08 -1.93
N ALA A 279 -12.07 -14.28 -0.61
CA ALA A 279 -13.20 -14.87 0.10
C ALA A 279 -14.42 -13.99 -0.03
N ASN A 280 -14.22 -12.68 0.19
CA ASN A 280 -15.31 -11.72 0.15
C ASN A 280 -15.95 -11.67 -1.22
N LEU A 281 -15.13 -11.64 -2.26
CA LEU A 281 -15.61 -11.62 -3.63
C LEU A 281 -16.37 -12.89 -3.95
N CYS A 282 -15.78 -14.04 -3.61
CA CYS A 282 -16.43 -15.32 -3.88
C CYS A 282 -17.87 -15.32 -3.37
N ALA A 283 -18.05 -14.86 -2.14
CA ALA A 283 -19.37 -14.80 -1.51
C ALA A 283 -20.28 -13.79 -2.23
N ALA A 284 -19.71 -12.65 -2.60
CA ALA A 284 -20.44 -11.60 -3.33
C ALA A 284 -20.90 -12.07 -4.72
N ILE A 285 -20.08 -12.88 -5.38
CA ILE A 285 -20.42 -13.48 -6.68
C ILE A 285 -21.66 -14.37 -6.58
N GLN A 286 -21.64 -15.33 -5.65
CA GLN A 286 -22.80 -16.19 -5.38
C GLN A 286 -24.07 -15.37 -5.14
N LEU A 287 -23.95 -14.34 -4.31
CA LEU A 287 -25.05 -13.46 -3.98
C LEU A 287 -25.59 -12.75 -5.23
N ALA A 288 -24.68 -12.24 -6.07
CA ALA A 288 -25.06 -11.46 -7.25
C ALA A 288 -25.68 -12.30 -8.38
N GLN A 289 -25.44 -13.61 -8.35
CA GLN A 289 -25.99 -14.54 -9.33
C GLN A 289 -27.47 -14.85 -9.07
N ARG A 290 -27.95 -14.59 -7.85
CA ARG A 290 -29.34 -14.87 -7.49
C ARG A 290 -30.30 -13.91 -8.22
N PRO A 291 -31.32 -14.46 -8.90
CA PRO A 291 -32.30 -13.69 -9.68
C PRO A 291 -32.96 -12.55 -8.92
N GLU A 292 -33.25 -12.76 -7.62
CA GLU A 292 -33.88 -11.72 -6.79
C GLU A 292 -32.98 -10.50 -6.58
N ASN A 293 -31.70 -10.64 -6.93
CA ASN A 293 -30.73 -9.58 -6.69
C ASN A 293 -30.29 -8.78 -7.92
N GLU A 294 -30.98 -9.00 -9.05
CA GLU A 294 -30.63 -8.30 -10.30
C GLU A 294 -30.79 -6.80 -10.15
N GLY A 295 -29.78 -6.07 -10.62
CA GLY A 295 -29.77 -4.61 -10.56
C GLY A 295 -29.41 -4.04 -9.20
N LYS A 296 -29.23 -4.90 -8.20
CA LYS A 296 -28.92 -4.42 -6.85
C LYS A 296 -27.43 -4.18 -6.64
N LEU A 297 -27.13 -3.15 -5.87
CA LEU A 297 -25.76 -2.71 -5.69
C LEU A 297 -25.11 -3.38 -4.48
N ILE A 298 -24.08 -4.19 -4.77
CA ILE A 298 -23.35 -4.92 -3.76
C ILE A 298 -21.97 -4.31 -3.51
N VAL A 299 -21.78 -3.80 -2.30
CA VAL A 299 -20.46 -3.33 -1.85
C VAL A 299 -19.75 -4.48 -1.13
N VAL A 300 -18.57 -4.84 -1.65
CA VAL A 300 -17.73 -5.87 -1.04
C VAL A 300 -16.41 -5.25 -0.59
N ILE A 301 -15.96 -5.61 0.61
CA ILE A 301 -14.70 -5.09 1.15
C ILE A 301 -13.48 -5.86 0.65
N GLN A 302 -12.47 -5.10 0.22
CA GLN A 302 -11.11 -5.58 0.07
C GLN A 302 -10.40 -5.17 1.36
N PRO A 303 -10.21 -6.12 2.30
CA PRO A 303 -9.62 -5.74 3.57
C PRO A 303 -8.14 -5.33 3.50
N SER A 304 -7.41 -5.87 2.53
CA SER A 304 -5.98 -5.57 2.44
C SER A 304 -5.42 -5.65 1.01
N PHE A 305 -4.36 -4.87 0.76
CA PHE A 305 -3.52 -5.02 -0.41
C PHE A 305 -2.81 -6.37 -0.31
N GLY A 306 -2.52 -7.00 -1.45
CA GLY A 306 -2.07 -8.39 -1.47
C GLY A 306 -0.58 -8.68 -1.39
N GLU A 307 0.24 -7.63 -1.34
CA GLU A 307 1.70 -7.80 -1.31
C GLU A 307 2.17 -8.50 -0.02
N ARG A 308 1.61 -8.09 1.12
CA ARG A 308 1.91 -8.73 2.41
C ARG A 308 1.64 -10.23 2.35
N TYR A 309 0.45 -10.61 1.87
CA TYR A 309 0.08 -12.00 1.72
C TYR A 309 1.04 -12.74 0.79
N LEU A 310 1.41 -12.09 -0.31
CA LEU A 310 2.33 -12.72 -1.27
C LEU A 310 3.68 -13.11 -0.66
N SER A 311 4.29 -12.22 0.11
CA SER A 311 5.55 -12.56 0.76
C SER A 311 5.35 -13.61 1.85
N THR A 312 4.22 -13.54 2.54
CA THR A 312 3.80 -14.60 3.46
C THR A 312 3.82 -15.98 2.78
N LEU A 313 3.18 -16.07 1.61
CA LEU A 313 3.19 -17.31 0.82
C LEU A 313 4.59 -17.71 0.36
N MET A 314 5.46 -16.73 0.13
CA MET A 314 6.81 -17.00 -0.33
C MET A 314 7.71 -17.57 0.78
N PHE A 315 7.69 -16.93 1.94
CA PHE A 315 8.40 -17.45 3.11
C PHE A 315 7.86 -18.81 3.55
N GLN A 316 6.56 -19.00 3.37
CA GLN A 316 5.87 -20.23 3.77
C GLN A 316 6.29 -21.40 2.89
N ASN A 317 6.51 -21.12 1.60
CA ASN A 317 6.95 -22.11 0.64
C ASN A 317 8.39 -22.54 0.91
N ILE A 318 9.25 -21.56 1.21
CA ILE A 318 10.64 -21.81 1.56
C ILE A 318 10.75 -22.72 2.79
N GLU A 319 9.97 -22.40 3.82
CA GLU A 319 9.95 -23.21 5.05
C GLU A 319 9.39 -24.60 4.82
N GLU A 320 8.40 -24.73 3.95
CA GLU A 320 7.78 -26.02 3.65
C GLU A 320 8.73 -26.98 2.94
N ARG A 321 9.53 -26.48 2.00
CA ARG A 321 10.47 -27.30 1.24
C ARG A 321 11.64 -27.80 2.10
N GLU A 322 12.00 -27.02 3.11
CA GLU A 322 13.12 -27.35 4.00
C GLU A 322 12.68 -28.21 5.18
N LEU A 323 11.37 -28.37 5.36
CA LEU A 323 10.81 -29.17 6.45
C LEU A 323 10.31 -30.54 5.99
N THR A 324 10.34 -30.80 4.68
CA THR A 324 9.91 -32.09 4.12
C THR A 324 10.88 -33.23 4.44
N LEU A 325 10.37 -34.45 4.37
CA LEU A 325 11.14 -35.69 4.55
C LEU A 325 11.70 -35.83 5.97
N MET B 8 -22.90 8.65 -8.66
CA MET B 8 -22.12 7.92 -7.60
C MET B 8 -20.61 8.08 -7.79
N ARG B 9 -19.88 8.19 -6.68
CA ARG B 9 -18.43 8.29 -6.72
C ARG B 9 -17.76 6.91 -6.69
N ILE B 10 -17.75 6.29 -7.87
CA ILE B 10 -17.19 4.96 -8.07
C ILE B 10 -16.26 5.03 -9.29
N ALA B 11 -15.01 4.66 -9.09
CA ALA B 11 -14.02 4.61 -10.18
C ALA B 11 -14.36 3.49 -11.15
N HIS B 12 -14.03 3.69 -12.43
CA HIS B 12 -14.21 2.66 -13.46
C HIS B 12 -13.26 1.51 -13.26
N ASP B 13 -12.05 1.83 -12.85
CA ASP B 13 -11.02 0.84 -12.56
C ASP B 13 -9.92 1.51 -11.75
N VAL B 14 -8.99 0.69 -11.23
CA VAL B 14 -7.94 1.13 -10.33
C VAL B 14 -7.02 2.23 -10.87
N THR B 15 -6.86 2.30 -12.20
CA THR B 15 -5.96 3.29 -12.81
C THR B 15 -6.48 4.71 -12.59
N GLU B 16 -7.77 4.83 -12.27
CA GLU B 16 -8.38 6.13 -11.95
C GLU B 16 -8.17 6.53 -10.49
N LEU B 17 -7.49 5.69 -9.72
CA LEU B 17 -7.32 5.94 -8.27
C LEU B 17 -5.89 6.32 -7.93
N VAL B 18 -5.12 6.57 -8.98
CA VAL B 18 -3.70 6.90 -8.90
C VAL B 18 -3.50 8.38 -8.59
N GLY B 19 -2.41 8.70 -7.90
CA GLY B 19 -2.08 10.08 -7.55
C GLY B 19 -2.96 10.66 -6.44
N ARG B 20 -3.07 11.99 -6.41
CA ARG B 20 -3.80 12.71 -5.34
C ARG B 20 -3.32 12.25 -3.96
N THR B 21 -2.01 12.21 -3.77
CA THR B 21 -1.39 11.72 -2.54
C THR B 21 -1.22 12.86 -1.53
N PRO B 22 -1.28 12.54 -0.23
CA PRO B 22 -1.29 13.63 0.75
C PRO B 22 0.10 14.08 1.17
N LEU B 23 0.14 15.31 1.70
CA LEU B 23 1.32 15.82 2.38
C LEU B 23 1.15 15.57 3.87
N VAL B 24 2.25 15.22 4.53
CA VAL B 24 2.27 15.06 5.97
C VAL B 24 3.51 15.73 6.55
N GLN B 25 3.34 16.46 7.65
CA GLN B 25 4.49 17.07 8.33
C GLN B 25 5.26 16.04 9.15
N LEU B 26 6.54 16.31 9.38
CA LEU B 26 7.35 15.49 10.27
C LEU B 26 7.45 16.17 11.63
N ASN B 27 7.36 15.36 12.68
CA ASN B 27 7.23 15.88 14.03
C ASN B 27 8.44 15.61 14.93
N ARG B 28 9.34 14.73 14.50
CA ARG B 28 10.49 14.38 15.33
C ARG B 28 11.87 14.50 14.67
N ILE B 29 12.01 14.01 13.44
CA ILE B 29 13.33 13.97 12.79
C ILE B 29 13.95 15.37 12.53
N PRO B 30 13.21 16.28 11.87
CA PRO B 30 13.82 17.59 11.62
C PRO B 30 14.05 18.39 12.91
N GLN B 31 13.15 18.24 13.87
CA GLN B 31 13.29 18.90 15.17
C GLN B 31 14.55 18.41 15.91
N ALA B 32 14.79 17.10 15.89
CA ALA B 32 15.96 16.51 16.52
C ALA B 32 17.28 16.87 15.82
N GLU B 33 17.20 17.21 14.53
CA GLU B 33 18.37 17.58 13.75
C GLU B 33 18.60 19.11 13.69
N GLY B 34 17.84 19.84 14.49
CA GLY B 34 17.93 21.30 14.53
C GLY B 34 17.66 21.99 13.21
N CYS B 35 16.58 21.58 12.54
CA CYS B 35 16.22 22.15 11.24
C CYS B 35 15.57 23.53 11.37
N LEU B 36 15.87 24.39 10.41
CA LEU B 36 15.33 25.75 10.40
C LEU B 36 14.24 25.89 9.36
N GLY B 37 14.36 25.15 8.25
CA GLY B 37 13.30 25.04 7.27
C GLY B 37 12.24 24.05 7.75
N ARG B 38 11.08 24.06 7.09
CA ARG B 38 10.01 23.14 7.44
C ARG B 38 9.89 22.03 6.39
N ILE B 39 9.97 20.79 6.86
CA ILE B 39 9.95 19.62 6.00
C ILE B 39 8.60 18.90 6.08
N VAL B 40 7.98 18.69 4.91
CA VAL B 40 6.81 17.83 4.79
C VAL B 40 7.06 16.78 3.70
N MET B 41 6.45 15.61 3.88
CA MET B 41 6.62 14.49 2.94
C MET B 41 5.38 14.32 2.06
N LYS B 42 5.59 14.09 0.77
CA LYS B 42 4.50 13.72 -0.13
C LYS B 42 4.50 12.20 -0.30
N LEU B 43 3.39 11.58 0.09
CA LEU B 43 3.37 10.12 0.27
C LEU B 43 2.95 9.35 -0.96
N GLU B 44 3.91 9.16 -1.87
CA GLU B 44 3.66 8.40 -3.10
C GLU B 44 3.46 6.90 -2.79
N GLY B 45 3.83 6.50 -1.57
CA GLY B 45 3.54 5.15 -1.07
C GLY B 45 2.06 4.84 -0.96
N MET B 46 1.23 5.88 -1.07
CA MET B 46 -0.23 5.72 -1.00
C MET B 46 -0.94 5.57 -2.35
N ASN B 47 -0.17 5.53 -3.44
CA ASN B 47 -0.70 5.04 -4.71
C ASN B 47 -1.19 3.59 -4.59
N PRO B 48 -2.15 3.17 -5.44
CA PRO B 48 -2.73 1.82 -5.38
C PRO B 48 -1.69 0.67 -5.28
N ALA B 49 -0.61 0.73 -6.05
CA ALA B 49 0.45 -0.29 -5.96
C ALA B 49 1.69 0.23 -5.23
N ALA B 50 1.46 1.25 -4.39
CA ALA B 50 2.44 1.73 -3.39
C ALA B 50 3.73 2.38 -3.88
N SER B 51 3.74 2.93 -5.08
CA SER B 51 4.84 3.79 -5.51
C SER B 51 4.43 4.89 -6.49
N VAL B 52 5.26 5.94 -6.54
CA VAL B 52 5.14 7.04 -7.49
C VAL B 52 4.90 6.58 -8.94
N LYS B 53 5.45 5.42 -9.27
CA LYS B 53 5.36 4.86 -10.61
C LYS B 53 3.93 4.75 -11.13
N ASP B 54 3.00 4.38 -10.26
CA ASP B 54 1.62 4.22 -10.68
C ASP B 54 1.15 5.36 -11.60
N ARG B 55 1.71 6.54 -11.41
CA ARG B 55 1.37 7.68 -12.25
C ARG B 55 1.83 7.49 -13.70
N ILE B 56 3.06 7.02 -13.89
CA ILE B 56 3.56 6.85 -15.27
C ILE B 56 3.09 5.55 -15.91
N GLY B 57 2.95 4.49 -15.11
CA GLY B 57 2.43 3.22 -15.60
C GLY B 57 1.07 3.41 -16.25
N THR B 58 0.22 4.21 -15.58
CA THR B 58 -1.11 4.50 -16.10
C THR B 58 -1.06 5.51 -17.25
N HIS B 59 -0.39 6.63 -17.04
CA HIS B 59 -0.40 7.69 -18.05
C HIS B 59 0.31 7.39 -19.36
N MET B 60 1.44 6.69 -19.30
CA MET B 60 2.15 6.31 -20.55
C MET B 60 1.22 5.49 -21.44
N ILE B 61 0.42 4.63 -20.82
CA ILE B 61 -0.55 3.82 -21.54
C ILE B 61 -1.74 4.67 -22.02
N ASN B 62 -2.25 5.51 -21.12
CA ASN B 62 -3.35 6.42 -21.42
C ASN B 62 -3.05 7.38 -22.57
N SER B 63 -1.89 8.03 -22.51
CA SER B 63 -1.44 8.94 -23.56
C SER B 63 -1.39 8.22 -24.93
N ALA B 64 -0.81 7.03 -24.93
CA ALA B 64 -0.66 6.23 -26.15
C ALA B 64 -2.01 5.80 -26.74
N GLU B 65 -3.00 5.60 -25.87
CA GLU B 65 -4.35 5.27 -26.31
C GLU B 65 -5.03 6.45 -27.01
N LYS B 66 -4.92 7.64 -26.42
CA LYS B 66 -5.51 8.85 -26.96
C LYS B 66 -4.85 9.31 -28.26
N ALA B 67 -3.56 8.99 -28.41
CA ALA B 67 -2.84 9.23 -29.67
C ALA B 67 -3.23 8.20 -30.73
N GLY B 68 -4.00 7.18 -30.33
CA GLY B 68 -4.46 6.13 -31.23
C GLY B 68 -3.37 5.15 -31.62
N LEU B 69 -2.36 5.02 -30.76
CA LEU B 69 -1.22 4.14 -31.04
C LEU B 69 -1.44 2.71 -30.52
N ILE B 70 -2.21 2.58 -29.46
CA ILE B 70 -2.44 1.27 -28.83
C ILE B 70 -3.92 1.02 -28.50
N ASN B 71 -4.26 -0.27 -28.41
CA ASN B 71 -5.59 -0.73 -28.04
C ASN B 71 -5.41 -2.07 -27.33
N PRO B 72 -6.17 -2.29 -26.22
CA PRO B 72 -6.03 -3.56 -25.47
C PRO B 72 -6.28 -4.82 -26.30
N GLU B 73 -7.13 -4.71 -27.33
CA GLU B 73 -7.48 -5.86 -28.14
C GLU B 73 -6.31 -6.38 -29.01
N THR B 74 -5.41 -5.48 -29.42
CA THR B 74 -4.39 -5.81 -30.41
C THR B 74 -2.93 -5.58 -29.99
N THR B 75 -2.70 -4.66 -29.04
CA THR B 75 -1.35 -4.23 -28.67
C THR B 75 -0.72 -5.08 -27.57
N VAL B 76 0.47 -5.62 -27.84
CA VAL B 76 1.28 -6.26 -26.79
C VAL B 76 2.25 -5.23 -26.23
N LEU B 77 2.12 -4.92 -24.94
CA LEU B 77 3.00 -3.96 -24.30
C LEU B 77 4.30 -4.60 -23.87
N VAL B 78 5.38 -3.83 -23.94
CA VAL B 78 6.72 -4.34 -23.68
C VAL B 78 7.55 -3.27 -22.98
N GLU B 79 8.30 -3.67 -21.96
CA GLU B 79 9.22 -2.78 -21.29
C GLU B 79 10.33 -3.56 -20.61
N PRO B 80 11.60 -3.17 -20.84
CA PRO B 80 12.74 -3.75 -20.12
C PRO B 80 12.87 -3.17 -18.72
N THR B 81 12.09 -3.69 -17.78
CA THR B 81 12.13 -3.13 -16.44
C THR B 81 11.94 -4.14 -15.33
N SER B 82 12.83 -4.08 -14.37
CA SER B 82 12.66 -4.73 -13.09
C SER B 82 12.72 -3.64 -12.03
N GLY B 83 11.60 -3.45 -11.35
CA GLY B 83 11.44 -2.35 -10.40
C GLY B 83 9.98 -1.94 -10.33
N ASN B 84 9.75 -0.78 -9.75
CA ASN B 84 8.40 -0.28 -9.51
C ASN B 84 7.59 0.02 -10.77
N THR B 85 8.26 0.42 -11.85
CA THR B 85 7.58 0.70 -13.11
C THR B 85 6.96 -0.58 -13.67
N GLY B 86 7.67 -1.69 -13.53
CA GLY B 86 7.15 -2.99 -13.94
C GLY B 86 5.86 -3.29 -13.22
N ILE B 87 5.86 -3.08 -11.91
CA ILE B 87 4.70 -3.33 -11.06
C ILE B 87 3.52 -2.45 -11.46
N ALA B 88 3.80 -1.17 -11.72
CA ALA B 88 2.78 -0.21 -12.13
C ALA B 88 2.17 -0.56 -13.49
N LEU B 89 3.02 -0.90 -14.45
CA LEU B 89 2.56 -1.32 -15.78
C LEU B 89 1.74 -2.61 -15.72
N ALA B 90 2.16 -3.54 -14.87
CA ALA B 90 1.46 -4.81 -14.70
C ALA B 90 0.05 -4.61 -14.13
N MET B 91 -0.07 -3.72 -13.14
CA MET B 91 -1.37 -3.34 -12.58
C MET B 91 -2.23 -2.68 -13.64
N THR B 92 -1.66 -1.71 -14.35
CA THR B 92 -2.37 -0.99 -15.39
C THR B 92 -2.84 -1.94 -16.51
N ALA B 93 -1.93 -2.79 -16.98
CA ALA B 93 -2.24 -3.76 -18.03
C ALA B 93 -3.38 -4.71 -17.62
N ALA B 94 -3.30 -5.21 -16.38
CA ALA B 94 -4.34 -6.08 -15.85
C ALA B 94 -5.68 -5.35 -15.74
N ALA B 95 -5.65 -4.10 -15.27
CA ALA B 95 -6.87 -3.31 -15.14
C ALA B 95 -7.50 -2.96 -16.48
N LYS B 96 -6.67 -2.69 -17.49
CA LYS B 96 -7.18 -2.26 -18.79
C LYS B 96 -7.26 -3.36 -19.86
N GLY B 97 -6.85 -4.58 -19.50
CA GLY B 97 -6.94 -5.73 -20.41
C GLY B 97 -5.84 -5.88 -21.45
N TYR B 98 -4.64 -5.35 -21.14
CA TYR B 98 -3.50 -5.47 -22.04
C TYR B 98 -2.63 -6.68 -21.72
N ARG B 99 -2.12 -7.31 -22.78
CA ARG B 99 -1.04 -8.28 -22.66
C ARG B 99 0.26 -7.50 -22.43
N LEU B 100 1.06 -7.95 -21.48
CA LEU B 100 2.28 -7.24 -21.11
C LEU B 100 3.47 -8.19 -20.98
N ILE B 101 4.56 -7.85 -21.66
CA ILE B 101 5.81 -8.58 -21.52
C ILE B 101 6.87 -7.68 -20.89
N LEU B 102 7.45 -8.14 -19.80
CA LEU B 102 8.54 -7.45 -19.15
C LEU B 102 9.83 -8.26 -19.26
N THR B 103 10.90 -7.60 -19.68
CA THR B 103 12.21 -8.25 -19.72
C THR B 103 13.08 -7.74 -18.58
N MET B 104 13.93 -8.62 -18.06
CA MET B 104 14.83 -8.29 -16.97
C MET B 104 15.97 -9.30 -16.94
N PRO B 105 17.14 -8.89 -16.45
CA PRO B 105 18.19 -9.89 -16.24
C PRO B 105 17.74 -10.99 -15.27
N GLU B 106 18.29 -12.19 -15.45
CA GLU B 106 17.98 -13.35 -14.61
C GLU B 106 18.46 -13.20 -13.17
N THR B 107 19.01 -12.06 -12.84
CA THR B 107 19.55 -11.82 -11.53
C THR B 107 18.60 -10.99 -10.72
N MET B 108 17.36 -11.01 -11.10
CA MET B 108 16.35 -10.21 -10.43
C MET B 108 15.79 -10.84 -9.16
N SER B 109 15.53 -9.97 -8.17
CA SER B 109 14.92 -10.34 -6.89
C SER B 109 13.56 -11.02 -7.10
N LEU B 110 13.43 -12.21 -6.51
CA LEU B 110 12.23 -13.04 -6.68
C LEU B 110 10.92 -12.42 -6.18
N GLU B 111 11.02 -11.48 -5.23
CA GLU B 111 9.84 -10.77 -4.71
C GLU B 111 9.21 -9.92 -5.81
N ARG B 112 10.07 -9.21 -6.55
CA ARG B 112 9.60 -8.35 -7.63
C ARG B 112 9.17 -9.17 -8.84
N ARG B 113 9.79 -10.33 -9.04
CA ARG B 113 9.32 -11.26 -10.07
C ARG B 113 7.95 -11.83 -9.70
N ALA B 114 7.81 -12.23 -8.43
CA ALA B 114 6.55 -12.76 -7.90
C ALA B 114 5.42 -11.74 -8.02
N MET B 115 5.71 -10.49 -7.70
CA MET B 115 4.76 -9.37 -7.84
C MET B 115 4.29 -9.20 -9.27
N LEU B 116 5.24 -9.34 -10.21
CA LEU B 116 4.92 -9.13 -11.62
C LEU B 116 4.03 -10.26 -12.12
N LYS B 117 4.35 -11.48 -11.70
CA LYS B 117 3.52 -12.66 -12.00
C LYS B 117 2.16 -12.62 -11.30
N ALA B 118 2.12 -12.07 -10.09
CA ALA B 118 0.86 -11.89 -9.38
C ALA B 118 -0.14 -11.08 -10.20
N TYR B 119 0.36 -10.07 -10.91
CA TYR B 119 -0.48 -9.27 -11.81
C TYR B 119 -0.69 -9.90 -13.18
N GLY B 120 -0.07 -11.04 -13.43
CA GLY B 120 -0.23 -11.76 -14.70
C GLY B 120 0.62 -11.27 -15.87
N ALA B 121 1.67 -10.51 -15.58
CA ALA B 121 2.63 -10.11 -16.61
C ALA B 121 3.45 -11.30 -17.09
N THR B 122 3.83 -11.30 -18.37
CA THR B 122 4.71 -12.33 -18.91
C THR B 122 6.16 -11.87 -18.73
N LEU B 123 6.98 -12.72 -18.13
CA LEU B 123 8.38 -12.37 -17.85
C LEU B 123 9.33 -13.08 -18.80
N GLU B 124 10.21 -12.29 -19.39
CA GLU B 124 11.24 -12.79 -20.28
C GLU B 124 12.60 -12.48 -19.66
N LEU B 125 13.29 -13.52 -19.19
CA LEU B 125 14.56 -13.34 -18.49
C LEU B 125 15.74 -13.34 -19.46
N THR B 126 16.72 -12.49 -19.18
CA THR B 126 17.91 -12.35 -20.01
C THR B 126 19.18 -12.64 -19.19
N PRO B 127 20.30 -12.99 -19.86
CA PRO B 127 21.52 -13.37 -19.14
C PRO B 127 22.00 -12.29 -18.16
N GLY B 128 22.45 -12.72 -16.99
CA GLY B 128 23.03 -11.82 -15.98
C GLY B 128 24.21 -10.99 -16.49
N SER B 129 25.09 -11.62 -17.26
CA SER B 129 26.28 -10.94 -17.80
C SER B 129 25.97 -9.70 -18.65
N GLN B 130 24.78 -9.69 -19.25
CA GLN B 130 24.37 -8.59 -20.14
C GLN B 130 23.81 -7.35 -19.43
N GLY B 131 23.50 -7.47 -18.15
CA GLY B 131 22.92 -6.37 -17.37
C GLY B 131 21.61 -5.86 -17.95
N MET B 132 21.35 -4.56 -17.78
CA MET B 132 20.13 -3.96 -18.29
C MET B 132 20.12 -3.91 -19.82
N LYS B 133 21.30 -3.76 -20.41
CA LYS B 133 21.44 -3.72 -21.86
C LYS B 133 20.88 -4.96 -22.56
N GLY B 134 21.11 -6.13 -21.97
CA GLY B 134 20.53 -7.38 -22.45
C GLY B 134 19.02 -7.42 -22.41
N ALA B 135 18.44 -6.84 -21.36
CA ALA B 135 16.98 -6.74 -21.24
C ALA B 135 16.39 -5.79 -22.30
N ILE B 136 17.06 -4.65 -22.50
CA ILE B 136 16.65 -3.66 -23.50
C ILE B 136 16.69 -4.25 -24.91
N LEU B 137 17.79 -4.90 -25.24
CA LEU B 137 17.97 -5.54 -26.55
C LEU B 137 16.93 -6.62 -26.82
N ARG B 138 16.66 -7.46 -25.81
CA ARG B 138 15.63 -8.49 -25.95
C ARG B 138 14.23 -7.88 -26.09
N ALA B 139 13.97 -6.80 -25.37
CA ALA B 139 12.69 -6.08 -25.47
C ALA B 139 12.49 -5.51 -26.86
N GLN B 140 13.55 -4.95 -27.43
CA GLN B 140 13.51 -4.44 -28.81
C GLN B 140 13.17 -5.56 -29.80
N GLN B 141 13.80 -6.73 -29.61
CA GLN B 141 13.56 -7.87 -30.49
C GLN B 141 12.11 -8.35 -30.42
N ILE B 142 11.56 -8.45 -29.22
CA ILE B 142 10.15 -8.81 -29.03
C ILE B 142 9.22 -7.81 -29.74
N VAL B 143 9.47 -6.52 -29.56
CA VAL B 143 8.72 -5.46 -30.24
C VAL B 143 8.78 -5.62 -31.76
N ASP B 144 10.00 -5.71 -32.30
CA ASP B 144 10.21 -5.85 -33.74
C ASP B 144 9.58 -7.11 -34.33
N SER B 145 9.38 -8.13 -33.49
CA SER B 145 8.80 -9.41 -33.91
C SER B 145 7.26 -9.48 -33.89
N ILE B 146 6.62 -8.59 -33.13
CA ILE B 146 5.18 -8.62 -32.96
C ILE B 146 4.53 -7.38 -33.58
N PRO B 147 3.72 -7.57 -34.64
CA PRO B 147 3.02 -6.44 -35.25
C PRO B 147 2.17 -5.69 -34.22
N GLY B 148 2.30 -4.35 -34.21
CA GLY B 148 1.56 -3.50 -33.28
C GLY B 148 2.17 -3.36 -31.89
N ALA B 149 3.12 -4.24 -31.53
CA ALA B 149 3.74 -4.21 -30.20
C ALA B 149 4.31 -2.83 -29.88
N TYR B 150 4.28 -2.46 -28.60
CA TYR B 150 4.63 -1.10 -28.22
C TYR B 150 5.47 -1.07 -26.95
N MET B 151 6.66 -0.49 -27.06
CA MET B 151 7.53 -0.32 -25.90
C MET B 151 7.24 1.04 -25.28
N LEU B 152 7.13 1.06 -23.95
CA LEU B 152 6.81 2.30 -23.24
C LEU B 152 7.98 3.27 -23.09
N GLN B 153 9.19 2.72 -22.92
CA GLN B 153 10.43 3.51 -22.83
C GLN B 153 10.39 4.61 -21.77
N GLN B 154 10.29 4.18 -20.50
CA GLN B 154 10.12 5.09 -19.36
C GLN B 154 11.15 6.23 -19.26
N PHE B 155 12.37 5.99 -19.72
CA PHE B 155 13.43 6.98 -19.65
C PHE B 155 13.37 8.01 -20.79
N ARG B 156 12.60 7.71 -21.82
CA ARG B 156 12.54 8.56 -23.01
C ARG B 156 11.14 9.13 -23.26
N ASN B 157 10.12 8.47 -22.73
CA ASN B 157 8.72 8.81 -23.00
C ASN B 157 8.31 10.18 -22.42
N PRO B 158 7.96 11.14 -23.29
CA PRO B 158 7.57 12.49 -22.83
C PRO B 158 6.33 12.52 -21.94
N SER B 159 5.49 11.49 -22.00
CA SER B 159 4.30 11.44 -21.15
C SER B 159 4.64 11.16 -19.68
N ASN B 160 5.88 10.72 -19.42
CA ASN B 160 6.38 10.52 -18.06
C ASN B 160 6.44 11.85 -17.29
N PRO B 161 7.25 12.83 -17.76
CA PRO B 161 7.18 14.15 -17.11
C PRO B 161 5.81 14.81 -17.23
N GLU B 162 5.08 14.55 -18.32
CA GLU B 162 3.75 15.14 -18.50
C GLU B 162 2.84 14.87 -17.29
N ILE B 163 2.68 13.61 -16.90
CA ILE B 163 1.77 13.27 -15.81
C ILE B 163 2.11 14.01 -14.53
N HIS B 164 3.41 14.20 -14.28
CA HIS B 164 3.88 14.94 -13.12
C HIS B 164 3.58 16.42 -13.22
N ARG B 165 3.57 16.96 -14.44
CA ARG B 165 3.12 18.34 -14.66
C ARG B 165 1.64 18.47 -14.30
N LEU B 166 0.84 17.52 -14.78
CA LEU B 166 -0.63 17.60 -14.71
C LEU B 166 -1.23 17.20 -13.35
N THR B 167 -0.53 16.37 -12.59
CA THR B 167 -1.06 15.88 -11.31
C THR B 167 -0.12 16.23 -10.15
N THR B 168 1.04 15.56 -10.09
CA THR B 168 1.99 15.73 -8.97
C THR B 168 2.26 17.20 -8.64
N ALA B 169 2.54 18.01 -9.67
CA ALA B 169 2.88 19.42 -9.50
C ALA B 169 1.69 20.23 -9.01
N GLU B 170 0.51 19.96 -9.59
CA GLU B 170 -0.74 20.61 -9.20
C GLU B 170 -1.12 20.31 -7.77
N GLU B 171 -0.92 19.06 -7.36
CA GLU B 171 -1.21 18.64 -5.99
C GLU B 171 -0.31 19.37 -5.00
N ILE B 172 0.98 19.48 -5.33
CA ILE B 172 1.93 20.22 -4.49
C ILE B 172 1.58 21.71 -4.44
N TRP B 173 1.31 22.29 -5.60
CA TRP B 173 0.95 23.71 -5.70
C TRP B 173 -0.30 24.04 -4.90
N GLN B 174 -1.38 23.30 -5.16
CA GLN B 174 -2.67 23.48 -4.49
C GLN B 174 -2.63 23.17 -2.99
N ASP B 175 -2.00 22.07 -2.60
CA ASP B 175 -1.98 21.64 -1.21
C ASP B 175 -1.17 22.59 -0.32
N THR B 176 -0.15 23.23 -0.90
CA THR B 176 0.63 24.24 -0.19
C THR B 176 0.15 25.67 -0.45
N GLU B 177 -0.97 25.82 -1.16
CA GLU B 177 -1.51 27.14 -1.49
C GLU B 177 -0.42 28.08 -2.04
N GLY B 178 0.47 27.53 -2.85
CA GLY B 178 1.56 28.29 -3.48
C GLY B 178 2.74 28.61 -2.58
N GLN B 179 2.71 28.12 -1.34
CA GLN B 179 3.75 28.47 -0.36
C GLN B 179 5.03 27.63 -0.48
N VAL B 180 4.94 26.49 -1.17
CA VAL B 180 6.09 25.61 -1.37
C VAL B 180 7.32 26.36 -1.90
N ASP B 181 8.46 26.16 -1.22
CA ASP B 181 9.70 26.83 -1.57
C ASP B 181 10.71 25.90 -2.24
N PHE B 182 10.66 24.62 -1.90
CA PHE B 182 11.61 23.61 -2.39
C PHE B 182 10.89 22.31 -2.73
N ILE B 183 11.35 21.67 -3.81
CA ILE B 183 11.10 20.23 -4.03
C ILE B 183 12.43 19.49 -3.81
N VAL B 184 12.40 18.44 -2.99
CA VAL B 184 13.53 17.53 -2.85
C VAL B 184 13.12 16.15 -3.37
N ALA B 185 13.76 15.72 -4.45
CA ALA B 185 13.43 14.42 -5.08
C ALA B 185 14.66 13.75 -5.66
N GLY B 186 14.84 12.47 -5.33
CA GLY B 186 15.84 11.64 -5.97
C GLY B 186 15.46 11.40 -7.41
N VAL B 187 16.46 11.25 -8.28
CA VAL B 187 16.21 11.03 -9.70
C VAL B 187 16.33 9.54 -10.06
N GLY B 188 15.23 8.96 -10.53
CA GLY B 188 15.23 7.63 -11.13
C GLY B 188 15.18 7.79 -12.64
N THR B 189 13.98 8.06 -13.14
CA THR B 189 13.83 8.49 -14.53
C THR B 189 13.96 10.01 -14.58
N GLY B 190 13.70 10.66 -13.44
CA GLY B 190 13.75 12.11 -13.36
C GLY B 190 12.44 12.79 -13.71
N GLY B 191 11.44 11.99 -14.12
CA GLY B 191 10.11 12.50 -14.44
C GLY B 191 9.46 13.32 -13.32
N THR B 192 9.53 12.81 -12.08
CA THR B 192 8.92 13.48 -10.94
C THR B 192 9.45 14.91 -10.78
N ILE B 193 10.76 15.03 -10.62
CA ILE B 193 11.39 16.34 -10.39
C ILE B 193 11.21 17.29 -11.58
N THR B 194 11.25 16.75 -12.79
CA THR B 194 11.07 17.51 -14.03
C THR B 194 9.66 18.11 -14.16
N GLY B 195 8.64 17.28 -14.00
CA GLY B 195 7.25 17.72 -14.04
C GLY B 195 6.95 18.77 -13.00
N VAL B 196 7.43 18.54 -11.78
CA VAL B 196 7.24 19.50 -10.69
C VAL B 196 7.98 20.82 -10.98
N ALA B 197 9.24 20.71 -11.42
CA ALA B 197 10.04 21.89 -11.75
C ALA B 197 9.37 22.75 -12.83
N GLU B 198 9.01 22.13 -13.95
CA GLU B 198 8.38 22.83 -15.08
C GLU B 198 7.16 23.67 -14.69
N VAL B 199 6.24 23.09 -13.94
CA VAL B 199 5.00 23.77 -13.58
C VAL B 199 5.24 24.84 -12.50
N ILE B 200 5.95 24.48 -11.43
CA ILE B 200 6.08 25.38 -10.29
C ILE B 200 7.07 26.55 -10.49
N LYS B 201 8.18 26.31 -11.17
CA LYS B 201 9.11 27.39 -11.51
C LYS B 201 8.45 28.43 -12.40
N SER B 202 7.55 27.96 -13.27
CA SER B 202 6.76 28.83 -14.13
C SER B 202 5.86 29.78 -13.33
N ARG B 203 5.38 29.30 -12.17
CA ARG B 203 4.44 30.06 -11.32
C ARG B 203 5.12 30.83 -10.19
N LYS B 204 6.31 30.40 -9.80
CA LYS B 204 7.03 30.96 -8.66
C LYS B 204 8.55 30.89 -8.91
N PRO B 205 9.12 31.92 -9.59
CA PRO B 205 10.54 31.91 -9.97
C PRO B 205 11.51 31.66 -8.82
N SER B 206 11.14 32.01 -7.59
CA SER B 206 12.02 31.80 -6.43
C SER B 206 12.09 30.35 -5.96
N PHE B 207 11.11 29.55 -6.39
CA PHE B 207 11.02 28.12 -6.07
C PHE B 207 12.29 27.38 -6.51
N GLN B 208 12.78 26.50 -5.64
CA GLN B 208 14.05 25.83 -5.86
C GLN B 208 13.94 24.31 -6.03
N VAL B 209 14.80 23.77 -6.89
CA VAL B 209 14.75 22.37 -7.30
C VAL B 209 16.02 21.64 -6.88
N VAL B 210 15.88 20.75 -5.91
CA VAL B 210 17.02 19.99 -5.36
C VAL B 210 16.93 18.50 -5.71
N ALA B 211 17.79 18.07 -6.62
CA ALA B 211 17.88 16.66 -7.00
C ALA B 211 18.76 15.88 -6.03
N VAL B 212 18.48 14.59 -5.90
CA VAL B 212 19.25 13.68 -5.05
C VAL B 212 19.78 12.51 -5.88
N GLU B 213 21.05 12.18 -5.68
CA GLU B 213 21.66 11.01 -6.32
C GLU B 213 22.62 10.30 -5.36
N PRO B 214 23.02 9.05 -5.68
CA PRO B 214 23.93 8.33 -4.78
C PRO B 214 25.35 8.90 -4.81
N PHE B 215 26.05 8.76 -3.68
CA PHE B 215 27.43 9.22 -3.56
C PHE B 215 28.38 8.50 -4.51
N ASN B 216 28.18 7.19 -4.67
CA ASN B 216 29.03 6.41 -5.56
C ASN B 216 28.49 6.27 -7.00
N SER B 217 27.55 7.15 -7.35
CA SER B 217 27.12 7.29 -8.74
C SER B 217 26.68 8.73 -9.03
N PRO B 218 27.55 9.72 -8.73
CA PRO B 218 27.17 11.13 -8.77
C PRO B 218 27.13 11.71 -10.18
N VAL B 219 26.36 11.06 -11.06
CA VAL B 219 26.37 11.36 -12.49
C VAL B 219 25.78 12.75 -12.85
N ILE B 220 24.70 13.15 -12.19
CA ILE B 220 24.11 14.47 -12.44
C ILE B 220 25.04 15.59 -11.95
N SER B 221 25.76 15.32 -10.86
CA SER B 221 26.80 16.23 -10.36
C SER B 221 27.98 16.36 -11.33
N GLY B 222 28.09 15.41 -12.25
CA GLY B 222 29.14 15.41 -13.26
C GLY B 222 30.18 14.33 -13.06
N GLY B 223 29.87 13.34 -12.22
CA GLY B 223 30.80 12.27 -11.88
C GLY B 223 30.61 10.98 -12.66
N ASN B 224 31.14 9.89 -12.13
CA ASN B 224 31.13 8.58 -12.78
C ASN B 224 30.06 7.62 -12.25
N PRO B 225 29.50 6.76 -13.13
CA PRO B 225 28.56 5.73 -12.68
C PRO B 225 29.26 4.64 -11.88
N GLY B 226 28.61 4.21 -10.79
CA GLY B 226 29.12 3.12 -9.96
C GLY B 226 28.00 2.41 -9.22
N PRO B 227 28.34 1.32 -8.50
CA PRO B 227 27.33 0.56 -7.74
C PRO B 227 26.87 1.25 -6.46
N HIS B 228 25.61 1.02 -6.08
CA HIS B 228 25.03 1.58 -4.86
C HIS B 228 23.80 0.79 -4.46
N LYS B 229 23.31 1.03 -3.25
CA LYS B 229 22.18 0.28 -2.69
C LYS B 229 20.88 1.09 -2.59
N ILE B 230 20.86 2.31 -3.11
CA ILE B 230 19.63 3.13 -3.06
C ILE B 230 18.69 2.80 -4.22
N GLN B 231 17.89 1.75 -4.00
CA GLN B 231 16.95 1.22 -4.98
C GLN B 231 15.93 2.27 -5.42
N GLY B 232 15.75 2.41 -6.73
CA GLY B 232 14.80 3.35 -7.27
C GLY B 232 15.40 4.60 -7.90
N ILE B 233 16.59 4.99 -7.43
CA ILE B 233 17.33 6.14 -8.01
C ILE B 233 18.69 5.73 -8.60
N GLY B 234 19.36 6.69 -9.24
CA GLY B 234 20.73 6.51 -9.73
C GLY B 234 20.93 5.41 -10.75
N ALA B 235 20.51 5.66 -11.98
CA ALA B 235 20.60 4.65 -13.04
C ALA B 235 21.96 4.63 -13.75
N GLY B 236 22.85 5.56 -13.39
CA GLY B 236 24.21 5.59 -13.95
C GLY B 236 24.34 6.38 -15.24
N PHE B 237 23.28 7.07 -15.63
CA PHE B 237 23.25 7.95 -16.80
C PHE B 237 22.23 9.06 -16.57
N ILE B 238 22.21 10.05 -17.47
CA ILE B 238 21.20 11.11 -17.45
C ILE B 238 20.08 10.74 -18.40
N PRO B 239 18.86 10.54 -17.86
CA PRO B 239 17.74 10.15 -18.73
C PRO B 239 17.31 11.27 -19.65
N GLU B 240 16.83 10.93 -20.83
CA GLU B 240 16.36 11.92 -21.80
C GLU B 240 15.32 12.85 -21.21
N VAL B 241 14.39 12.30 -20.42
CA VAL B 241 13.26 13.07 -19.88
C VAL B 241 13.65 14.02 -18.75
N LEU B 242 14.83 13.82 -18.18
CA LEU B 242 15.28 14.70 -17.09
C LEU B 242 15.66 16.07 -17.66
N ARG B 243 15.14 17.12 -17.04
CA ARG B 243 15.51 18.46 -17.45
C ARG B 243 16.53 19.05 -16.49
N THR B 244 17.79 18.70 -16.75
CA THR B 244 18.93 19.12 -15.95
C THR B 244 19.03 20.63 -15.84
N ASP B 245 18.51 21.35 -16.84
CA ASP B 245 18.53 22.81 -16.83
C ASP B 245 17.67 23.42 -15.72
N LEU B 246 16.72 22.66 -15.21
CA LEU B 246 15.79 23.16 -14.20
C LEU B 246 16.20 22.84 -12.77
N ILE B 247 17.28 22.07 -12.61
CA ILE B 247 17.79 21.74 -11.29
C ILE B 247 18.67 22.88 -10.76
N ASP B 248 18.50 23.23 -9.49
CA ASP B 248 19.32 24.28 -8.86
C ASP B 248 20.51 23.69 -8.11
N GLU B 249 20.31 22.53 -7.49
CA GLU B 249 21.36 21.88 -6.71
C GLU B 249 21.20 20.36 -6.74
N VAL B 250 22.34 19.68 -6.67
CA VAL B 250 22.38 18.23 -6.54
C VAL B 250 23.03 17.91 -5.19
N ILE B 251 22.31 17.16 -4.36
CA ILE B 251 22.88 16.65 -3.11
C ILE B 251 23.11 15.14 -3.26
N THR B 252 24.30 14.68 -2.89
CA THR B 252 24.63 13.25 -2.95
C THR B 252 24.48 12.61 -1.58
N VAL B 253 23.95 11.39 -1.56
CA VAL B 253 23.67 10.68 -0.31
C VAL B 253 24.29 9.29 -0.38
N SER B 254 24.86 8.84 0.74
CA SER B 254 25.44 7.49 0.81
C SER B 254 24.39 6.44 1.14
N ASP B 255 24.72 5.18 0.85
CA ASP B 255 23.83 4.05 1.13
C ASP B 255 23.37 4.03 2.58
N GLU B 256 24.32 4.17 3.49
CA GLU B 256 24.03 4.08 4.93
C GLU B 256 23.23 5.27 5.47
N GLU B 257 23.47 6.46 4.91
CA GLU B 257 22.69 7.65 5.28
C GLU B 257 21.23 7.46 4.90
N ALA B 258 21.02 6.96 3.69
CA ALA B 258 19.68 6.71 3.16
C ALA B 258 18.95 5.67 4.01
N PHE B 259 19.64 4.58 4.33
CA PHE B 259 19.07 3.49 5.12
C PHE B 259 18.71 3.96 6.52
N GLN B 260 19.63 4.67 7.16
CA GLN B 260 19.41 5.17 8.52
C GLN B 260 18.19 6.12 8.60
N PHE B 261 18.11 7.07 7.66
CA PHE B 261 16.96 7.98 7.66
C PHE B 261 15.65 7.29 7.32
N GLY B 262 15.73 6.20 6.56
CA GLY B 262 14.59 5.32 6.31
C GLY B 262 14.09 4.70 7.61
N ARG B 263 15.01 4.13 8.38
CA ARG B 263 14.71 3.57 9.70
C ARG B 263 14.06 4.60 10.62
N ARG B 264 14.59 5.81 10.61
CA ARG B 264 14.07 6.89 11.44
C ARG B 264 12.64 7.29 11.04
N LEU B 265 12.38 7.33 9.72
CA LEU B 265 11.01 7.60 9.23
C LEU B 265 10.01 6.57 9.77
N ALA B 266 10.41 5.30 9.77
CA ALA B 266 9.58 4.21 10.28
C ALA B 266 9.30 4.36 11.77
N LYS B 267 10.37 4.48 12.56
CA LYS B 267 10.27 4.43 14.03
C LYS B 267 9.89 5.76 14.68
N GLU B 268 10.33 6.86 14.10
CA GLU B 268 10.09 8.18 14.71
C GLU B 268 8.89 8.93 14.12
N GLU B 269 8.42 8.51 12.95
CA GLU B 269 7.28 9.21 12.30
C GLU B 269 6.13 8.27 11.94
N GLY B 270 6.38 6.96 11.99
CA GLY B 270 5.37 5.96 11.63
C GLY B 270 5.13 5.94 10.13
N LEU B 271 6.17 6.33 9.38
CA LEU B 271 6.12 6.37 7.92
C LEU B 271 7.08 5.35 7.31
N LEU B 272 6.59 4.12 7.13
CA LEU B 272 7.40 3.07 6.56
C LEU B 272 7.65 3.35 5.08
N SER B 273 8.93 3.51 4.72
CA SER B 273 9.31 4.04 3.41
C SER B 273 10.47 3.25 2.83
N GLY B 274 10.59 3.27 1.50
CA GLY B 274 11.75 2.68 0.82
C GLY B 274 13.03 3.45 1.09
N ILE B 275 14.15 2.90 0.65
CA ILE B 275 15.46 3.51 0.89
C ILE B 275 15.62 4.87 0.19
N SER B 276 14.96 5.03 -0.96
CA SER B 276 15.01 6.31 -1.68
C SER B 276 14.28 7.44 -0.94
N SER B 277 13.32 7.08 -0.09
CA SER B 277 12.71 8.06 0.80
C SER B 277 13.70 8.54 1.86
N GLY B 278 14.50 7.60 2.38
CA GLY B 278 15.55 7.93 3.33
C GLY B 278 16.59 8.85 2.73
N ALA B 279 16.99 8.59 1.48
CA ALA B 279 17.94 9.43 0.75
C ALA B 279 17.37 10.84 0.54
N ASN B 280 16.14 10.92 0.07
CA ASN B 280 15.41 12.18 -0.09
C ASN B 280 15.36 12.99 1.20
N LEU B 281 14.98 12.33 2.30
CA LEU B 281 14.90 13.02 3.60
C LEU B 281 16.28 13.50 4.05
N CYS B 282 17.29 12.64 3.90
CA CYS B 282 18.66 12.99 4.27
C CYS B 282 19.09 14.32 3.63
N ALA B 283 18.88 14.42 2.33
CA ALA B 283 19.17 15.65 1.60
C ALA B 283 18.34 16.83 2.11
N ALA B 284 17.07 16.57 2.41
CA ALA B 284 16.16 17.62 2.89
C ALA B 284 16.59 18.18 4.25
N ILE B 285 17.07 17.29 5.13
CA ILE B 285 17.59 17.69 6.43
C ILE B 285 18.74 18.69 6.30
N GLN B 286 19.77 18.34 5.51
CA GLN B 286 20.90 19.23 5.24
C GLN B 286 20.42 20.58 4.70
N LEU B 287 19.54 20.52 3.72
CA LEU B 287 18.91 21.72 3.16
C LEU B 287 18.24 22.57 4.25
N ALA B 288 17.43 21.92 5.09
CA ALA B 288 16.64 22.60 6.11
C ALA B 288 17.48 23.17 7.27
N GLN B 289 18.70 22.65 7.43
CA GLN B 289 19.62 23.15 8.46
C GLN B 289 20.33 24.44 8.06
N ARG B 290 20.21 24.84 6.80
CA ARG B 290 20.86 26.05 6.32
C ARG B 290 20.07 27.28 6.78
N PRO B 291 20.76 28.23 7.46
CA PRO B 291 20.15 29.44 8.03
C PRO B 291 19.29 30.24 7.05
N GLU B 292 19.75 30.36 5.80
CA GLU B 292 19.01 31.10 4.77
C GLU B 292 17.65 30.48 4.42
N ASN B 293 17.43 29.22 4.83
CA ASN B 293 16.18 28.52 4.55
C ASN B 293 15.20 28.50 5.73
N GLU B 294 15.48 29.29 6.75
CA GLU B 294 14.60 29.36 7.92
C GLU B 294 13.15 29.64 7.53
N GLY B 295 12.24 28.82 8.05
CA GLY B 295 10.81 28.98 7.83
C GLY B 295 10.32 28.59 6.44
N LYS B 296 11.25 28.22 5.55
CA LYS B 296 10.88 27.85 4.19
C LYS B 296 10.23 26.47 4.13
N LEU B 297 9.35 26.30 3.15
CA LEU B 297 8.58 25.07 3.05
C LEU B 297 9.18 24.08 2.04
N ILE B 298 9.64 22.95 2.58
CA ILE B 298 10.36 21.95 1.80
C ILE B 298 9.49 20.71 1.62
N VAL B 299 9.13 20.44 0.36
CA VAL B 299 8.34 19.25 0.02
C VAL B 299 9.28 18.14 -0.42
N VAL B 300 9.22 17.02 0.28
CA VAL B 300 10.08 15.86 0.03
C VAL B 300 9.26 14.67 -0.45
N ILE B 301 9.70 14.09 -1.56
CA ILE B 301 9.05 12.89 -2.10
C ILE B 301 9.39 11.64 -1.28
N GLN B 302 8.34 10.94 -0.86
CA GLN B 302 8.43 9.54 -0.43
C GLN B 302 7.98 8.71 -1.64
N PRO B 303 8.92 8.16 -2.42
CA PRO B 303 8.55 7.48 -3.66
C PRO B 303 7.83 6.14 -3.49
N SER B 304 7.99 5.48 -2.34
CA SER B 304 7.37 4.16 -2.13
C SER B 304 7.11 3.85 -0.66
N PHE B 305 6.07 3.05 -0.42
CA PHE B 305 5.84 2.44 0.88
C PHE B 305 6.98 1.46 1.10
N GLY B 306 7.41 1.28 2.34
CA GLY B 306 8.64 0.51 2.63
C GLY B 306 8.52 -1.00 2.77
N GLU B 307 7.31 -1.54 2.70
CA GLU B 307 7.10 -2.98 2.82
C GLU B 307 7.83 -3.74 1.70
N ARG B 308 7.68 -3.26 0.46
CA ARG B 308 8.34 -3.86 -0.69
C ARG B 308 9.84 -3.99 -0.46
N TYR B 309 10.48 -2.89 -0.09
CA TYR B 309 11.92 -2.86 0.11
C TYR B 309 12.37 -3.77 1.27
N LEU B 310 11.65 -3.70 2.39
CA LEU B 310 11.94 -4.56 3.54
C LEU B 310 11.88 -6.04 3.14
N SER B 311 10.87 -6.39 2.35
CA SER B 311 10.68 -7.75 1.86
C SER B 311 11.84 -8.19 0.97
N THR B 312 12.22 -7.33 0.01
CA THR B 312 13.35 -7.62 -0.89
C THR B 312 14.66 -7.80 -0.12
N LEU B 313 14.83 -7.03 0.96
CA LEU B 313 16.01 -7.15 1.83
C LEU B 313 16.11 -8.52 2.49
N MET B 314 14.97 -9.01 2.98
CA MET B 314 14.95 -10.26 3.72
C MET B 314 15.20 -11.47 2.84
N PHE B 315 14.72 -11.40 1.59
CA PHE B 315 14.92 -12.48 0.63
C PHE B 315 16.36 -12.57 0.15
N GLN B 316 17.05 -11.44 0.08
CA GLN B 316 18.48 -11.44 -0.28
C GLN B 316 19.35 -11.79 0.94
N ASN B 317 18.75 -11.75 2.12
CA ASN B 317 19.39 -12.26 3.34
C ASN B 317 19.30 -13.78 3.44
N ILE B 318 18.56 -14.39 2.52
CA ILE B 318 18.43 -15.83 2.41
C ILE B 318 19.14 -16.32 1.14
N GLU B 319 19.03 -15.53 0.06
CA GLU B 319 19.68 -15.83 -1.22
C GLU B 319 21.20 -15.82 -1.12
#